data_7EQV
#
_entry.id   7EQV
#
_cell.length_a   149.396
_cell.length_b   149.396
_cell.length_c   62.175
_cell.angle_alpha   90.000
_cell.angle_beta   90.000
_cell.angle_gamma   120.000
#
_symmetry.space_group_name_H-M   'P 31 2 1'
#
loop_
_entity.id
_entity.type
_entity.pdbx_description
1 polymer 'Lysine-specific demethylase 4A'
2 non-polymer '3,4-DIHYDROXYBENZOIC ACID'
3 non-polymer 'NICKEL (II) ION'
4 non-polymer 'ZINC ION'
5 non-polymer 'CHLORIDE ION'
6 water water
#
_entity_poly.entity_id   1
_entity_poly.type   'polypeptide(L)'
_entity_poly.pdbx_seq_one_letter_code
;LNPSARIMTFYPTMEEFRNFSRYIAYIESQGAHRAGLAKVVPPKEWKPRASYDDIDDLVIPAPIQQLVTGQSGLFTQYNI
QKKAMTVREFRKIANSDKYCTPRYSEFEELERKYWKNLTFNPPIYGADVNGTLYEKHVDEWNIGRLRTILDLVEKESGIT
IEGVNTPYLYFGMWKTSFAWHTEDMDLYSINYLHFGEPKSWYSVPPEHGKRLERLAKGFFPGSAQSCEAFLRHKMTLISP
LMLKKYGIPFDKVTQEAGEFMITFPYGYHAGFNHGFNCAESTNFATRRWIEYGKQAVLCSCRKDMVKISMDVFVRKFQPE
RYKLWKAGKDNTVIDHTLPTPEAAEFLK
;
_entity_poly.pdbx_strand_id   A
#
# COMPACT_ATOMS: atom_id res chain seq x y z
N LEU A 1 6.36 -6.08 23.16
CA LEU A 1 5.33 -6.74 22.26
C LEU A 1 5.68 -6.58 20.78
N ASN A 2 5.75 -7.74 20.09
CA ASN A 2 6.37 -7.92 18.76
C ASN A 2 7.82 -7.35 18.73
N PRO A 3 8.67 -7.88 19.67
CA PRO A 3 10.12 -7.54 19.75
C PRO A 3 10.82 -7.62 18.38
N SER A 4 10.54 -8.72 17.66
CA SER A 4 11.20 -9.04 16.38
C SER A 4 10.67 -8.27 15.16
N ALA A 5 9.59 -7.50 15.33
CA ALA A 5 8.95 -6.77 14.25
C ALA A 5 8.56 -7.64 12.98
N ARG A 6 8.07 -8.87 13.21
CA ARG A 6 7.58 -9.78 12.17
C ARG A 6 6.17 -9.43 11.81
N ILE A 7 5.79 -9.80 10.60
CA ILE A 7 4.50 -9.47 10.04
C ILE A 7 3.53 -10.40 10.68
N MET A 8 2.52 -9.84 11.35
CA MET A 8 1.57 -10.70 12.05
C MET A 8 0.34 -10.92 11.19
N THR A 9 -0.30 -12.07 11.37
CA THR A 9 -1.60 -12.37 10.75
C THR A 9 -2.71 -12.55 11.84
N PHE A 10 -3.92 -12.06 11.62
CA PHE A 10 -4.98 -12.04 12.59
C PHE A 10 -6.24 -12.61 12.06
N TYR A 11 -6.96 -13.31 12.91
CA TYR A 11 -8.18 -13.96 12.50
C TYR A 11 -9.32 -13.48 13.31
N PRO A 12 -9.79 -12.29 13.10
CA PRO A 12 -10.93 -11.81 13.89
C PRO A 12 -12.20 -12.62 13.77
N THR A 13 -12.98 -12.66 14.83
CA THR A 13 -14.35 -13.27 14.82
C THR A 13 -15.27 -12.24 14.24
N MET A 14 -16.49 -12.60 13.94
CA MET A 14 -17.37 -11.61 13.37
C MET A 14 -17.64 -10.48 14.35
N GLU A 15 -17.75 -10.81 15.62
CA GLU A 15 -18.04 -9.87 16.61
C GLU A 15 -16.92 -8.80 16.67
N GLU A 16 -15.66 -9.18 16.58
CA GLU A 16 -14.54 -8.29 16.63
C GLU A 16 -14.47 -7.45 15.36
N PHE A 17 -14.76 -8.10 14.25
CA PHE A 17 -14.68 -7.52 12.93
C PHE A 17 -15.70 -6.36 12.75
N ARG A 18 -16.87 -6.43 13.39
CA ARG A 18 -17.87 -5.41 13.19
C ARG A 18 -17.43 -4.01 13.66
N ASN A 19 -16.41 -3.94 14.53
CA ASN A 19 -15.84 -2.65 14.95
C ASN A 19 -14.43 -2.44 14.38
N PHE A 20 -14.35 -1.63 13.34
CA PHE A 20 -13.09 -1.48 12.60
C PHE A 20 -11.97 -0.83 13.42
N SER A 21 -12.29 0.39 13.79
CA SER A 21 -11.47 1.14 14.67
C SER A 21 -10.93 0.36 15.87
N ARG A 22 -11.76 -0.40 16.56
CA ARG A 22 -11.30 -1.08 17.76
C ARG A 22 -10.33 -2.16 17.39
N TYR A 23 -10.56 -2.79 16.24
CA TYR A 23 -9.76 -3.92 15.85
C TYR A 23 -8.37 -3.46 15.42
N ILE A 24 -8.32 -2.33 14.70
CA ILE A 24 -7.02 -1.73 14.36
C ILE A 24 -6.27 -1.45 15.66
N ALA A 25 -6.92 -0.82 16.62
CA ALA A 25 -6.27 -0.66 17.93
C ALA A 25 -5.83 -1.95 18.60
N TYR A 26 -6.64 -2.98 18.53
CA TYR A 26 -6.26 -4.24 19.09
C TYR A 26 -4.95 -4.74 18.48
N ILE A 27 -4.85 -4.66 17.15
CA ILE A 27 -3.70 -5.30 16.53
C ILE A 27 -2.48 -4.44 16.82
N GLU A 28 -2.63 -3.14 16.81
CA GLU A 28 -1.60 -2.29 17.36
C GLU A 28 -1.30 -2.66 18.82
N SER A 29 -2.30 -2.81 19.67
CA SER A 29 -1.96 -3.33 21.04
C SER A 29 -1.08 -4.63 21.04
N GLN A 30 -1.09 -5.42 19.96
CA GLN A 30 -0.25 -6.63 19.89
C GLN A 30 1.07 -6.37 19.19
N GLY A 31 1.35 -5.10 18.94
CA GLY A 31 2.54 -4.75 18.15
C GLY A 31 2.60 -5.06 16.65
N ALA A 32 1.45 -5.31 16.03
CA ALA A 32 1.39 -5.52 14.59
C ALA A 32 2.10 -4.41 13.81
N HIS A 33 1.98 -3.19 14.30
CA HIS A 33 2.45 -2.03 13.56
C HIS A 33 3.94 -1.93 13.55
N ARG A 34 4.61 -2.77 14.29
CA ARG A 34 6.05 -2.64 14.32
C ARG A 34 6.68 -3.16 13.07
N ALA A 35 6.04 -4.14 12.45
CA ALA A 35 6.50 -4.75 11.23
C ALA A 35 6.20 -3.91 9.99
N GLY A 36 5.24 -3.00 10.15
CA GLY A 36 4.80 -2.08 9.09
C GLY A 36 3.58 -2.50 8.30
N LEU A 37 3.23 -3.77 8.44
CA LEU A 37 2.34 -4.43 7.59
C LEU A 37 1.75 -5.61 8.39
N ALA A 38 0.45 -5.83 8.27
CA ALA A 38 -0.18 -7.01 8.86
C ALA A 38 -1.25 -7.59 8.02
N LYS A 39 -1.41 -8.89 8.14
CA LYS A 39 -2.49 -9.55 7.46
C LYS A 39 -3.70 -9.72 8.37
N VAL A 40 -4.90 -9.52 7.80
CA VAL A 40 -6.16 -9.83 8.52
C VAL A 40 -7.06 -10.73 7.68
N VAL A 41 -7.22 -11.98 8.07
CA VAL A 41 -8.14 -12.84 7.33
C VAL A 41 -9.51 -12.75 7.99
N PRO A 42 -10.55 -12.41 7.22
CA PRO A 42 -11.80 -12.02 7.84
C PRO A 42 -12.60 -13.21 8.20
N PRO A 43 -13.60 -13.02 9.03
CA PRO A 43 -14.46 -14.13 9.31
C PRO A 43 -15.15 -14.66 8.09
N LYS A 44 -15.19 -15.95 7.98
CA LYS A 44 -15.90 -16.67 6.92
C LYS A 44 -17.35 -16.19 6.76
N GLU A 45 -18.00 -15.71 7.79
CA GLU A 45 -19.39 -15.26 7.65
C GLU A 45 -19.47 -14.12 6.68
N TRP A 46 -18.34 -13.47 6.38
CA TRP A 46 -18.39 -12.14 5.74
C TRP A 46 -18.05 -12.22 4.31
N LYS A 47 -18.73 -11.42 3.49
CA LYS A 47 -18.46 -11.45 2.05
C LYS A 47 -18.77 -10.07 1.51
N PRO A 48 -17.78 -9.41 0.91
CA PRO A 48 -17.88 -8.11 0.29
C PRO A 48 -18.87 -8.03 -0.86
N ARG A 49 -19.07 -9.15 -1.53
CA ARG A 49 -19.86 -9.25 -2.77
C ARG A 49 -20.30 -10.71 -2.97
N ALA A 50 -21.50 -10.90 -3.51
CA ALA A 50 -22.04 -12.28 -3.77
C ALA A 50 -21.16 -13.07 -4.72
N SER A 51 -20.87 -12.47 -5.87
CA SER A 51 -19.97 -13.08 -6.88
C SER A 51 -19.37 -12.02 -7.79
N TYR A 52 -18.31 -12.42 -8.48
CA TYR A 52 -17.55 -11.56 -9.41
C TYR A 52 -17.75 -11.94 -10.90
N ASP A 53 -19.01 -12.20 -11.26
CA ASP A 53 -19.36 -12.79 -12.55
C ASP A 53 -19.78 -11.70 -13.53
N ASP A 54 -20.03 -10.52 -13.03
CA ASP A 54 -20.71 -9.50 -13.79
C ASP A 54 -19.77 -8.33 -14.06
N ILE A 55 -18.48 -8.56 -14.16
CA ILE A 55 -17.55 -7.43 -14.23
C ILE A 55 -16.60 -7.48 -15.41
N ASP A 56 -16.80 -8.40 -16.32
CA ASP A 56 -16.01 -8.40 -17.54
C ASP A 56 -16.23 -7.09 -18.32
N ASP A 57 -17.37 -6.42 -18.07
CA ASP A 57 -17.70 -5.26 -18.83
C ASP A 57 -17.12 -4.04 -18.21
N LEU A 58 -16.44 -4.23 -17.09
CA LEU A 58 -15.89 -3.11 -16.37
C LEU A 58 -14.62 -2.59 -17.10
N VAL A 59 -14.57 -1.29 -17.11
CA VAL A 59 -13.66 -0.52 -17.91
C VAL A 59 -12.49 0.03 -17.03
N ILE A 60 -11.29 -0.33 -17.44
CA ILE A 60 -10.06 0.15 -16.86
C ILE A 60 -9.57 1.30 -17.74
N PRO A 61 -9.82 2.55 -17.35
CA PRO A 61 -9.51 3.64 -18.31
C PRO A 61 -8.06 3.91 -18.70
N ALA A 62 -7.09 3.44 -17.92
CA ALA A 62 -5.70 3.92 -18.06
C ALA A 62 -4.69 2.87 -17.62
N PRO A 63 -4.80 1.66 -18.17
CA PRO A 63 -3.84 0.59 -17.88
C PRO A 63 -2.51 1.14 -18.10
N ILE A 64 -1.47 0.59 -17.51
CA ILE A 64 -0.17 1.17 -17.80
C ILE A 64 0.80 0.06 -18.00
N GLN A 65 1.83 0.28 -18.76
CA GLN A 65 2.75 -0.78 -19.00
C GLN A 65 4.02 -0.50 -18.22
N GLN A 66 4.53 -1.53 -17.60
CA GLN A 66 5.53 -1.28 -16.66
C GLN A 66 6.86 -1.59 -17.23
N LEU A 67 7.61 -0.54 -17.52
CA LEU A 67 8.93 -0.71 -18.11
C LEU A 67 9.92 -0.59 -17.01
N VAL A 68 10.81 -1.54 -16.89
CA VAL A 68 11.74 -1.56 -15.80
C VAL A 68 13.10 -1.82 -16.34
N THR A 69 14.04 -0.97 -15.87
CA THR A 69 15.45 -0.99 -16.22
C THR A 69 16.34 -1.15 -14.98
N GLY A 70 17.32 -2.08 -15.01
CA GLY A 70 18.43 -2.08 -14.08
C GLY A 70 19.08 -3.44 -13.92
N GLN A 71 19.86 -3.59 -12.88
CA GLN A 71 20.59 -4.85 -12.76
C GLN A 71 21.11 -5.11 -11.32
N SER A 72 21.48 -6.38 -11.08
CA SER A 72 21.87 -6.89 -9.74
C SER A 72 20.96 -6.29 -8.58
N GLY A 73 19.67 -6.50 -8.73
CA GLY A 73 18.73 -6.06 -7.73
C GLY A 73 18.41 -4.59 -7.57
N LEU A 74 18.83 -3.68 -8.46
CA LEU A 74 18.31 -2.29 -8.36
C LEU A 74 17.61 -1.90 -9.65
N PHE A 75 16.46 -1.26 -9.55
CA PHE A 75 15.72 -0.99 -10.76
C PHE A 75 14.87 0.23 -10.63
N THR A 76 14.42 0.77 -11.75
CA THR A 76 13.57 1.91 -11.81
C THR A 76 12.45 1.52 -12.77
N GLN A 77 11.23 1.97 -12.50
CA GLN A 77 10.06 1.49 -13.19
C GLN A 77 9.36 2.70 -13.76
N TYR A 78 9.11 2.66 -15.06
CA TYR A 78 8.49 3.74 -15.77
C TYR A 78 7.17 3.13 -16.27
N ASN A 79 6.16 3.98 -16.23
CA ASN A 79 4.83 3.65 -16.53
C ASN A 79 4.48 4.30 -17.82
N ILE A 80 4.27 3.50 -18.87
CA ILE A 80 3.71 3.97 -20.13
C ILE A 80 2.16 3.78 -20.14
N GLN A 81 1.40 4.86 -20.28
CA GLN A 81 -0.04 4.78 -20.37
C GLN A 81 -0.46 4.13 -21.69
N LYS A 82 -1.39 3.17 -21.64
CA LYS A 82 -2.00 2.48 -22.81
C LYS A 82 -3.49 2.83 -22.89
N LYS A 83 -4.17 2.40 -23.94
CA LYS A 83 -5.58 2.83 -24.10
C LYS A 83 -6.58 2.01 -23.22
N ALA A 84 -7.74 2.62 -22.95
CA ALA A 84 -8.89 1.95 -22.34
C ALA A 84 -9.02 0.47 -22.75
N MET A 85 -9.22 -0.40 -21.77
CA MET A 85 -9.59 -1.75 -22.02
C MET A 85 -10.54 -2.22 -20.92
N THR A 86 -11.24 -3.30 -21.20
CA THR A 86 -12.14 -3.94 -20.27
C THR A 86 -11.40 -5.06 -19.53
N VAL A 87 -11.98 -5.41 -18.40
CA VAL A 87 -11.49 -6.51 -17.61
C VAL A 87 -11.44 -7.75 -18.47
N ARG A 88 -12.48 -7.93 -19.27
CA ARG A 88 -12.46 -9.03 -20.27
C ARG A 88 -11.15 -9.03 -21.12
N GLU A 89 -10.84 -7.86 -21.72
CA GLU A 89 -9.62 -7.70 -22.54
C GLU A 89 -8.37 -7.93 -21.71
N PHE A 90 -8.38 -7.32 -20.49
CA PHE A 90 -7.27 -7.45 -19.54
C PHE A 90 -7.03 -8.92 -19.20
N ARG A 91 -8.11 -9.61 -18.88
CA ARG A 91 -8.02 -11.01 -18.54
C ARG A 91 -7.45 -11.87 -19.64
N LYS A 92 -7.84 -11.60 -20.86
CA LYS A 92 -7.32 -12.41 -22.00
C LYS A 92 -5.83 -12.26 -22.12
N ILE A 93 -5.35 -11.02 -22.04
CA ILE A 93 -3.92 -10.81 -22.11
C ILE A 93 -3.22 -11.43 -20.93
N ALA A 94 -3.75 -11.21 -19.72
CA ALA A 94 -3.10 -11.73 -18.51
C ALA A 94 -2.93 -13.25 -18.55
N ASN A 95 -3.97 -13.87 -19.09
CA ASN A 95 -4.00 -15.33 -19.21
C ASN A 95 -3.29 -15.86 -20.43
N SER A 96 -3.04 -14.99 -21.41
CA SER A 96 -2.34 -15.33 -22.66
C SER A 96 -1.00 -16.03 -22.39
N ASP A 97 -0.47 -16.73 -23.38
CA ASP A 97 0.77 -17.48 -23.19
C ASP A 97 2.00 -16.62 -22.95
N LYS A 98 2.02 -15.39 -23.46
CA LYS A 98 3.23 -14.57 -23.32
C LYS A 98 3.33 -13.94 -21.95
N TYR A 99 2.16 -13.65 -21.34
CA TYR A 99 2.07 -12.90 -20.09
C TYR A 99 1.76 -13.68 -18.81
N CYS A 100 1.42 -14.95 -18.91
CA CYS A 100 0.87 -15.66 -17.78
C CYS A 100 1.96 -16.20 -16.85
N THR A 101 1.51 -16.72 -15.74
CA THR A 101 2.38 -17.04 -14.63
C THR A 101 3.22 -18.22 -15.05
N PRO A 102 4.53 -18.17 -14.83
CA PRO A 102 5.26 -19.44 -15.11
C PRO A 102 4.81 -20.61 -14.23
N ARG A 103 5.03 -21.83 -14.69
CA ARG A 103 4.99 -23.03 -13.83
C ARG A 103 6.04 -22.90 -12.71
N TYR A 104 5.68 -23.33 -11.50
CA TYR A 104 6.64 -23.31 -10.38
C TYR A 104 6.22 -24.23 -9.22
N SER A 105 7.14 -24.48 -8.28
CA SER A 105 6.86 -25.29 -7.08
C SER A 105 6.53 -24.45 -5.83
N GLU A 106 7.57 -23.97 -5.16
CA GLU A 106 7.44 -23.13 -3.96
C GLU A 106 7.41 -21.68 -4.42
N PHE A 107 6.95 -20.81 -3.54
CA PHE A 107 6.98 -19.37 -3.81
C PHE A 107 8.43 -18.89 -3.93
N GLU A 108 9.35 -19.47 -3.17
CA GLU A 108 10.76 -19.14 -3.31
C GLU A 108 11.24 -19.23 -4.79
N GLU A 109 10.79 -20.24 -5.54
CA GLU A 109 11.09 -20.38 -6.98
C GLU A 109 10.39 -19.28 -7.81
N LEU A 110 9.13 -18.95 -7.53
CA LEU A 110 8.45 -17.88 -8.26
C LEU A 110 9.05 -16.49 -7.97
N GLU A 111 9.55 -16.29 -6.76
CA GLU A 111 10.19 -15.05 -6.36
C GLU A 111 11.53 -14.85 -7.11
N ARG A 112 12.35 -15.90 -7.19
CA ARG A 112 13.59 -15.90 -8.03
C ARG A 112 13.31 -15.51 -9.47
N LYS A 113 12.15 -15.91 -9.97
CA LYS A 113 11.78 -15.66 -11.32
C LYS A 113 11.32 -14.28 -11.52
N TYR A 114 10.77 -13.69 -10.50
CA TYR A 114 10.26 -12.32 -10.64
C TYR A 114 11.50 -11.44 -10.74
N TRP A 115 12.49 -11.69 -9.91
CA TRP A 115 13.67 -10.84 -9.92
C TRP A 115 14.65 -11.11 -11.09
N LYS A 116 14.60 -12.26 -11.71
CA LYS A 116 15.50 -12.54 -12.78
C LYS A 116 14.84 -11.98 -14.02
N ASN A 117 13.51 -11.86 -14.00
CA ASN A 117 12.81 -11.46 -15.23
C ASN A 117 12.02 -10.18 -15.19
N LEU A 118 12.28 -9.28 -14.25
CA LEU A 118 11.35 -8.14 -14.15
C LEU A 118 11.53 -7.13 -15.27
N THR A 119 12.75 -7.09 -15.85
CA THR A 119 13.14 -6.13 -16.94
C THR A 119 12.64 -6.52 -18.32
N PHE A 120 12.51 -7.84 -18.55
CA PHE A 120 11.85 -8.44 -19.72
C PHE A 120 10.31 -8.36 -19.77
N ASN A 121 9.79 -8.41 -20.96
CA ASN A 121 8.40 -8.62 -21.20
C ASN A 121 7.40 -7.76 -20.42
N PRO A 122 7.57 -6.46 -20.50
CA PRO A 122 6.73 -5.54 -19.72
C PRO A 122 5.23 -5.86 -19.72
N PRO A 123 4.60 -5.99 -18.52
CA PRO A 123 3.17 -6.28 -18.37
C PRO A 123 2.34 -5.09 -18.24
N ILE A 124 1.06 -5.32 -18.42
CA ILE A 124 0.07 -4.27 -18.26
C ILE A 124 -0.50 -4.45 -16.84
N TYR A 125 -0.82 -3.33 -16.19
CA TYR A 125 -1.35 -3.28 -14.84
C TYR A 125 -2.54 -2.36 -14.88
N GLY A 126 -3.71 -2.85 -14.51
CA GLY A 126 -4.91 -2.05 -14.62
C GLY A 126 -5.06 -1.36 -13.30
N ALA A 127 -4.15 -0.43 -13.06
CA ALA A 127 -4.05 0.24 -11.78
C ALA A 127 -4.93 1.48 -11.60
N ASP A 128 -5.07 1.91 -10.36
CA ASP A 128 -5.73 3.14 -10.09
C ASP A 128 -7.06 3.31 -10.76
N VAL A 129 -7.89 2.30 -10.74
CA VAL A 129 -9.20 2.43 -11.30
C VAL A 129 -10.14 2.92 -10.26
N ASN A 130 -10.72 4.07 -10.47
CA ASN A 130 -11.76 4.54 -9.51
C ASN A 130 -12.89 3.58 -9.46
N GLY A 131 -13.29 3.19 -8.26
CA GLY A 131 -14.47 2.36 -8.01
C GLY A 131 -14.33 1.34 -6.89
N THR A 132 -15.43 0.64 -6.62
CA THR A 132 -15.46 -0.39 -5.58
C THR A 132 -16.26 -1.58 -6.03
N LEU A 133 -15.78 -2.76 -5.62
CA LEU A 133 -16.54 -3.99 -5.76
C LEU A 133 -17.41 -4.40 -4.53
N TYR A 134 -17.59 -3.55 -3.54
CA TYR A 134 -18.39 -3.94 -2.39
C TYR A 134 -19.84 -3.67 -2.70
N GLU A 135 -20.72 -4.59 -2.34
CA GLU A 135 -22.13 -4.35 -2.42
C GLU A 135 -22.42 -3.25 -1.38
N LYS A 136 -23.48 -2.47 -1.54
CA LYS A 136 -23.78 -1.38 -0.60
C LYS A 136 -24.26 -1.80 0.77
N HIS A 137 -24.87 -2.96 0.91
CA HIS A 137 -25.38 -3.45 2.21
C HIS A 137 -24.29 -3.77 3.27
N VAL A 138 -23.02 -3.85 2.84
CA VAL A 138 -21.95 -4.40 3.66
C VAL A 138 -21.31 -3.39 4.57
N ASP A 139 -21.56 -3.55 5.87
CA ASP A 139 -21.15 -2.56 6.89
C ASP A 139 -19.76 -2.77 7.53
N GLU A 140 -19.17 -3.94 7.43
CA GLU A 140 -17.91 -4.22 8.01
C GLU A 140 -16.73 -4.15 7.02
N TRP A 141 -15.72 -3.43 7.42
CA TRP A 141 -14.50 -3.31 6.65
C TRP A 141 -14.76 -2.90 5.21
N ASN A 142 -15.73 -1.99 5.06
CA ASN A 142 -16.10 -1.53 3.75
C ASN A 142 -15.22 -0.37 3.39
N ILE A 143 -14.26 -0.66 2.53
CA ILE A 143 -13.25 0.25 2.05
C ILE A 143 -13.72 1.57 1.51
N GLY A 144 -14.94 1.62 1.02
CA GLY A 144 -15.57 2.84 0.58
C GLY A 144 -16.15 3.67 1.71
N ARG A 145 -16.22 3.11 2.92
CA ARG A 145 -16.76 3.89 4.09
C ARG A 145 -16.30 3.34 5.46
N LEU A 146 -15.02 3.45 5.73
CA LEU A 146 -14.45 3.06 7.00
C LEU A 146 -14.81 4.04 8.12
N ARG A 147 -15.10 5.29 7.80
CA ARG A 147 -15.52 6.27 8.82
C ARG A 147 -14.40 6.57 9.82
N THR A 148 -13.19 6.69 9.34
CA THR A 148 -12.07 7.05 10.18
C THR A 148 -11.93 8.56 10.17
N ILE A 149 -11.03 9.08 10.98
CA ILE A 149 -10.88 10.53 11.03
C ILE A 149 -10.30 11.07 9.74
N LEU A 150 -9.82 10.25 8.83
CA LEU A 150 -9.53 10.79 7.51
C LEU A 150 -10.75 11.50 6.88
N ASP A 151 -11.96 11.21 7.35
CA ASP A 151 -13.15 11.81 6.76
C ASP A 151 -13.21 13.32 7.01
N LEU A 152 -12.55 13.80 8.04
CA LEU A 152 -12.38 15.23 8.23
C LEU A 152 -11.73 15.97 7.08
N VAL A 153 -10.95 15.31 6.25
CA VAL A 153 -10.38 16.06 5.12
C VAL A 153 -11.48 16.53 4.12
N GLU A 154 -12.48 15.67 3.91
CA GLU A 154 -13.59 15.87 2.99
C GLU A 154 -14.58 16.78 3.68
N LYS A 155 -14.99 16.43 4.90
CA LYS A 155 -16.05 17.19 5.59
C LYS A 155 -15.67 18.67 5.74
N GLU A 156 -14.40 18.98 5.90
CA GLU A 156 -13.99 20.37 6.19
C GLU A 156 -13.49 21.15 5.01
N SER A 157 -13.04 20.49 3.95
CA SER A 157 -12.50 21.19 2.78
C SER A 157 -13.16 20.86 1.45
N GLY A 158 -14.31 20.17 1.45
CA GLY A 158 -14.88 19.61 0.19
C GLY A 158 -13.94 18.79 -0.73
N ILE A 159 -12.75 18.39 -0.22
CA ILE A 159 -11.65 17.81 -1.03
C ILE A 159 -11.78 16.29 -1.23
N THR A 160 -11.60 15.89 -2.49
CA THR A 160 -11.57 14.48 -2.91
C THR A 160 -10.15 14.15 -3.35
N ILE A 161 -9.56 13.04 -2.91
CA ILE A 161 -8.25 12.66 -3.42
C ILE A 161 -8.29 11.21 -3.80
N GLU A 162 -8.37 10.99 -5.10
CA GLU A 162 -8.63 9.67 -5.63
C GLU A 162 -7.68 8.70 -5.06
N GLY A 163 -8.18 7.56 -4.56
CA GLY A 163 -7.34 6.48 -3.95
C GLY A 163 -6.83 6.73 -2.53
N VAL A 164 -7.07 7.92 -1.99
CA VAL A 164 -6.62 8.31 -0.67
C VAL A 164 -7.84 8.37 0.23
N ASN A 165 -8.81 9.25 -0.05
CA ASN A 165 -10.12 9.12 0.64
C ASN A 165 -11.26 8.67 -0.28
N THR A 166 -10.90 8.00 -1.38
CA THR A 166 -11.83 7.19 -2.14
C THR A 166 -11.10 5.87 -2.51
N PRO A 167 -11.85 4.85 -2.93
CA PRO A 167 -11.29 3.57 -3.25
C PRO A 167 -10.75 3.45 -4.67
N TYR A 168 -9.74 2.62 -4.85
CA TYR A 168 -9.16 2.30 -6.11
C TYR A 168 -9.17 0.81 -6.25
N LEU A 169 -9.30 0.34 -7.50
CA LEU A 169 -9.21 -1.08 -7.84
C LEU A 169 -7.96 -1.30 -8.63
N TYR A 170 -7.33 -2.47 -8.49
CA TYR A 170 -6.07 -2.83 -9.18
C TYR A 170 -6.17 -4.20 -9.77
N PHE A 171 -6.26 -4.25 -11.08
CA PHE A 171 -6.32 -5.50 -11.80
C PHE A 171 -4.93 -5.87 -12.17
N GLY A 172 -4.45 -7.02 -11.76
CA GLY A 172 -3.05 -7.34 -12.01
C GLY A 172 -2.78 -8.51 -12.89
N MET A 173 -1.51 -8.74 -13.16
CA MET A 173 -1.12 -9.89 -13.93
C MET A 173 0.27 -10.25 -13.50
N TRP A 174 0.77 -11.35 -14.00
CA TRP A 174 2.05 -11.83 -13.51
C TRP A 174 3.08 -10.75 -13.65
N LYS A 175 3.83 -10.57 -12.57
CA LYS A 175 5.02 -9.71 -12.58
C LYS A 175 4.72 -8.21 -12.58
N THR A 176 3.47 -7.77 -12.42
CA THR A 176 3.21 -6.36 -12.17
C THR A 176 3.65 -6.00 -10.73
N SER A 177 4.16 -4.81 -10.52
CA SER A 177 4.97 -4.48 -9.36
C SER A 177 4.47 -3.23 -8.72
N PHE A 178 4.73 -3.14 -7.43
CA PHE A 178 4.53 -1.86 -6.74
C PHE A 178 5.82 -1.59 -6.06
N ALA A 179 6.26 -0.38 -6.19
CA ALA A 179 7.60 -0.07 -5.79
C ALA A 179 7.61 0.34 -4.31
N TRP A 180 8.81 0.30 -3.73
CA TRP A 180 9.05 0.75 -2.41
C TRP A 180 8.51 2.13 -2.14
N HIS A 181 7.66 2.23 -1.14
CA HIS A 181 7.08 3.52 -0.74
C HIS A 181 6.35 3.42 0.63
N THR A 182 5.99 4.59 1.15
CA THR A 182 5.06 4.73 2.22
C THR A 182 3.91 5.49 1.68
N GLU A 183 2.84 5.57 2.43
CA GLU A 183 1.64 6.10 1.84
C GLU A 183 1.64 7.58 1.84
N ASP A 184 0.73 8.15 1.11
CA ASP A 184 0.53 9.55 1.15
C ASP A 184 0.34 10.02 2.58
N MET A 185 1.09 11.05 2.93
CA MET A 185 1.13 11.63 4.25
C MET A 185 1.49 10.56 5.28
N ASP A 186 2.19 9.53 4.87
CA ASP A 186 2.45 8.44 5.76
C ASP A 186 1.19 7.90 6.47
N LEU A 187 0.04 7.94 5.78
CA LEU A 187 -1.21 7.41 6.31
C LEU A 187 -1.20 5.89 6.40
N TYR A 188 -2.27 5.35 6.96
CA TYR A 188 -2.43 3.90 6.93
C TYR A 188 -3.02 3.51 5.54
N SER A 189 -2.85 2.26 5.12
CA SER A 189 -3.66 1.80 4.01
C SER A 189 -4.33 0.47 4.37
N ILE A 190 -5.36 0.17 3.59
CA ILE A 190 -6.01 -1.09 3.61
C ILE A 190 -6.17 -1.60 2.17
N ASN A 191 -5.86 -2.88 1.96
CA ASN A 191 -5.89 -3.52 0.69
C ASN A 191 -6.62 -4.85 0.85
N TYR A 192 -7.61 -5.06 -0.01
CA TYR A 192 -8.39 -6.30 -0.03
C TYR A 192 -8.28 -6.95 -1.37
N LEU A 193 -7.88 -8.20 -1.35
CA LEU A 193 -7.73 -8.95 -2.60
C LEU A 193 -9.03 -9.70 -2.92
N HIS A 194 -9.86 -9.09 -3.75
CA HIS A 194 -11.14 -9.65 -4.07
C HIS A 194 -11.05 -11.01 -4.72
N PHE A 195 -10.20 -11.21 -5.72
CA PHE A 195 -10.08 -12.58 -6.31
C PHE A 195 -8.83 -12.75 -7.14
N GLY A 196 -8.59 -13.96 -7.57
CA GLY A 196 -7.49 -14.25 -8.44
C GLY A 196 -6.28 -14.73 -7.67
N GLU A 197 -5.12 -14.57 -8.28
CA GLU A 197 -3.91 -15.10 -7.77
C GLU A 197 -3.34 -14.14 -6.74
N PRO A 198 -2.40 -14.62 -5.94
CA PRO A 198 -1.78 -13.82 -4.86
C PRO A 198 -1.08 -12.52 -5.24
N LYS A 199 -0.77 -11.76 -4.21
CA LYS A 199 0.02 -10.55 -4.27
C LYS A 199 1.04 -10.68 -3.15
N SER A 200 2.32 -10.75 -3.49
CA SER A 200 3.35 -10.84 -2.45
C SER A 200 3.83 -9.48 -2.05
N TRP A 201 4.17 -9.31 -0.75
CA TRP A 201 4.57 -8.03 -0.22
C TRP A 201 5.87 -8.19 0.51
N TYR A 202 6.63 -7.08 0.50
CA TYR A 202 7.83 -6.86 1.34
C TYR A 202 7.61 -5.63 2.22
N SER A 203 8.08 -5.70 3.46
CA SER A 203 7.94 -4.56 4.39
C SER A 203 9.19 -4.36 5.20
N VAL A 204 9.41 -3.11 5.52
CA VAL A 204 10.46 -2.68 6.41
C VAL A 204 9.82 -1.96 7.60
N PRO A 205 10.16 -2.37 8.82
CA PRO A 205 9.69 -1.77 10.04
C PRO A 205 9.81 -0.28 10.03
N PRO A 206 8.79 0.48 10.42
CA PRO A 206 8.93 1.94 10.49
C PRO A 206 10.10 2.43 11.27
N GLU A 207 10.51 1.67 12.27
CA GLU A 207 11.69 2.09 13.07
C GLU A 207 13.00 1.95 12.28
N HIS A 208 12.96 1.36 11.07
CA HIS A 208 14.11 1.28 10.18
C HIS A 208 13.87 1.92 8.83
N GLY A 209 12.84 2.73 8.70
CA GLY A 209 12.58 3.40 7.46
C GLY A 209 13.71 4.35 7.05
N LYS A 210 14.23 5.09 8.01
CA LYS A 210 15.25 6.04 7.68
C LYS A 210 16.43 5.27 7.11
N ARG A 211 16.71 4.05 7.56
CA ARG A 211 17.83 3.30 6.99
C ARG A 211 17.60 2.85 5.55
N LEU A 212 16.36 2.80 5.12
CA LEU A 212 16.07 2.38 3.78
C LEU A 212 16.13 3.62 2.93
N GLU A 213 15.50 4.70 3.36
CA GLU A 213 15.72 6.00 2.76
C GLU A 213 17.23 6.30 2.51
N ARG A 214 18.07 5.95 3.46
CA ARG A 214 19.47 6.29 3.38
C ARG A 214 20.09 5.47 2.28
N LEU A 215 19.89 4.17 2.31
CA LEU A 215 20.36 3.29 1.26
C LEU A 215 19.84 3.72 -0.14
N ALA A 216 18.56 4.02 -0.27
CA ALA A 216 18.02 4.46 -1.55
C ALA A 216 18.77 5.67 -2.08
N LYS A 217 19.01 6.64 -1.22
CA LYS A 217 19.69 7.86 -1.60
C LYS A 217 21.11 7.52 -2.13
N GLY A 218 21.84 6.62 -1.46
CA GLY A 218 23.12 6.07 -1.93
C GLY A 218 22.98 5.61 -3.36
N PHE A 219 22.20 4.58 -3.58
CA PHE A 219 22.03 4.06 -4.93
C PHE A 219 21.45 5.00 -5.99
N PHE A 220 20.71 6.05 -5.66
CA PHE A 220 20.02 6.89 -6.70
C PHE A 220 20.19 8.37 -6.36
N PRO A 221 21.47 8.85 -6.40
CA PRO A 221 21.77 10.16 -5.76
C PRO A 221 21.22 11.29 -6.54
N GLY A 222 21.05 11.05 -7.84
CA GLY A 222 20.55 12.08 -8.72
C GLY A 222 19.09 12.32 -8.44
N SER A 223 18.37 11.22 -8.24
CA SER A 223 16.94 11.26 -7.90
C SER A 223 16.77 11.90 -6.54
N ALA A 224 17.66 11.52 -5.62
CA ALA A 224 17.78 12.17 -4.31
C ALA A 224 18.14 13.68 -4.37
N GLN A 225 18.97 14.09 -5.34
CA GLN A 225 19.26 15.52 -5.57
C GLN A 225 17.99 16.34 -5.83
N SER A 226 17.14 15.89 -6.74
CA SER A 226 16.03 16.75 -7.23
C SER A 226 14.75 16.61 -6.48
N CYS A 227 14.59 15.50 -5.74
CA CYS A 227 13.49 15.34 -4.79
C CYS A 227 14.07 14.83 -3.46
N GLU A 228 13.50 15.25 -2.33
CA GLU A 228 13.90 14.67 -1.03
C GLU A 228 13.17 13.33 -0.80
N ALA A 229 11.86 13.38 -1.08
CA ALA A 229 11.02 12.21 -1.02
C ALA A 229 10.89 11.48 -2.37
N PHE A 230 12.01 11.11 -3.00
CA PHE A 230 11.91 10.53 -4.36
C PHE A 230 11.24 9.15 -4.36
N LEU A 231 11.46 8.35 -3.31
CA LEU A 231 10.72 7.10 -3.19
C LEU A 231 9.21 7.20 -3.37
N ARG A 232 8.65 8.38 -3.14
CA ARG A 232 7.25 8.66 -3.29
C ARG A 232 6.82 8.65 -4.73
N HIS A 233 7.77 8.72 -5.65
CA HIS A 233 7.47 8.60 -7.09
C HIS A 233 7.06 7.14 -7.45
N LYS A 234 7.36 6.20 -6.54
CA LYS A 234 6.94 4.82 -6.70
C LYS A 234 7.63 4.26 -7.91
N MET A 235 8.90 4.57 -8.13
CA MET A 235 9.61 4.06 -9.32
C MET A 235 10.74 3.15 -8.92
N THR A 236 10.98 3.01 -7.65
CA THR A 236 12.20 2.39 -7.25
C THR A 236 11.99 0.98 -6.74
N LEU A 237 12.66 0.01 -7.32
CA LEU A 237 12.56 -1.37 -6.93
C LEU A 237 13.89 -1.84 -6.42
N ILE A 238 13.85 -2.54 -5.28
CA ILE A 238 15.05 -3.05 -4.65
C ILE A 238 14.82 -4.43 -4.17
N SER A 239 15.76 -5.26 -4.51
CA SER A 239 15.68 -6.69 -4.28
C SER A 239 15.86 -6.95 -2.79
N PRO A 240 15.20 -8.01 -2.28
CA PRO A 240 15.51 -8.50 -0.96
C PRO A 240 16.97 -8.85 -0.76
N LEU A 241 17.62 -9.51 -1.74
CA LEU A 241 19.07 -9.68 -1.67
C LEU A 241 19.85 -8.37 -1.42
N MET A 242 19.43 -7.27 -2.04
CA MET A 242 20.08 -6.00 -1.72
C MET A 242 19.84 -5.58 -0.30
N LEU A 243 18.63 -5.83 0.20
CA LEU A 243 18.31 -5.39 1.56
C LEU A 243 19.13 -6.15 2.60
N LYS A 244 19.34 -7.47 2.42
CA LYS A 244 20.18 -8.27 3.35
C LYS A 244 21.56 -7.72 3.29
N LYS A 245 22.08 -7.61 2.10
CA LYS A 245 23.40 -7.07 1.89
C LYS A 245 23.66 -5.78 2.68
N TYR A 246 22.81 -4.76 2.63
CA TYR A 246 23.05 -3.51 3.37
C TYR A 246 22.40 -3.47 4.75
N GLY A 247 22.08 -4.69 5.23
CA GLY A 247 21.45 -4.97 6.52
C GLY A 247 20.19 -4.22 6.89
N ILE A 248 19.31 -3.97 5.91
CA ILE A 248 18.01 -3.41 6.19
C ILE A 248 17.10 -4.56 6.61
N PRO A 249 16.46 -4.45 7.79
CA PRO A 249 15.58 -5.53 8.20
C PRO A 249 14.24 -5.35 7.47
N PHE A 250 13.67 -6.50 7.08
CA PHE A 250 12.48 -6.53 6.26
C PHE A 250 11.87 -7.93 6.43
N ASP A 251 10.58 -8.03 6.12
CA ASP A 251 9.91 -9.29 6.12
C ASP A 251 9.09 -9.40 4.84
N LYS A 252 8.66 -10.61 4.49
CA LYS A 252 7.85 -10.85 3.29
C LYS A 252 6.57 -11.56 3.67
N VAL A 253 5.50 -11.32 2.94
CA VAL A 253 4.26 -12.01 3.20
C VAL A 253 3.49 -12.10 1.91
N THR A 254 2.85 -13.25 1.67
CA THR A 254 1.96 -13.42 0.53
C THR A 254 0.45 -13.30 0.88
N GLN A 255 -0.27 -12.38 0.24
CA GLN A 255 -1.69 -12.18 0.43
C GLN A 255 -2.49 -12.99 -0.60
N GLU A 256 -3.49 -13.76 -0.18
CA GLU A 256 -4.32 -14.55 -1.11
C GLU A 256 -5.73 -14.02 -1.22
N ALA A 257 -6.49 -14.55 -2.15
CA ALA A 257 -7.80 -13.96 -2.33
C ALA A 257 -8.60 -14.01 -1.02
N GLY A 258 -9.39 -12.99 -0.78
CA GLY A 258 -10.20 -12.96 0.42
C GLY A 258 -9.46 -12.45 1.66
N GLU A 259 -8.19 -12.08 1.57
CA GLU A 259 -7.44 -11.56 2.67
C GLU A 259 -7.16 -10.04 2.63
N PHE A 260 -7.15 -9.37 3.79
CA PHE A 260 -6.79 -7.95 3.89
C PHE A 260 -5.33 -7.85 4.28
N MET A 261 -4.71 -6.76 3.82
CA MET A 261 -3.46 -6.30 4.37
C MET A 261 -3.69 -4.89 4.86
N ILE A 262 -3.03 -4.56 5.96
CA ILE A 262 -3.04 -3.21 6.51
C ILE A 262 -1.61 -2.74 6.49
N THR A 263 -1.39 -1.51 6.01
CA THR A 263 -0.06 -0.89 6.17
C THR A 263 -0.19 0.21 7.20
N PHE A 264 0.90 0.43 7.92
CA PHE A 264 0.89 1.37 9.07
C PHE A 264 1.75 2.58 8.75
N PRO A 265 1.48 3.70 9.44
CA PRO A 265 2.21 4.90 9.12
C PRO A 265 3.71 4.66 9.08
N TYR A 266 4.32 5.17 8.02
CA TYR A 266 5.73 5.09 7.76
C TYR A 266 6.28 3.69 7.61
N GLY A 267 5.43 2.78 7.20
CA GLY A 267 5.85 1.42 6.88
C GLY A 267 6.10 1.35 5.37
N TYR A 268 7.37 1.17 5.01
CA TYR A 268 7.80 1.02 3.64
C TYR A 268 7.41 -0.38 3.19
N HIS A 269 6.69 -0.43 2.07
CA HIS A 269 6.38 -1.70 1.42
C HIS A 269 6.52 -1.67 -0.10
N ALA A 270 6.66 -2.87 -0.65
CA ALA A 270 6.69 -3.08 -2.07
C ALA A 270 6.27 -4.51 -2.36
N GLY A 271 5.97 -4.80 -3.61
CA GLY A 271 5.80 -6.19 -3.99
C GLY A 271 5.32 -6.40 -5.40
N PHE A 272 4.73 -7.57 -5.62
CA PHE A 272 4.20 -7.90 -6.95
C PHE A 272 3.08 -8.90 -7.00
N ASN A 273 2.30 -8.86 -8.08
CA ASN A 273 1.26 -9.87 -8.38
C ASN A 273 1.75 -11.18 -9.03
N HIS A 274 1.16 -12.29 -8.65
CA HIS A 274 1.53 -13.64 -9.12
C HIS A 274 0.86 -13.95 -10.49
N GLY A 275 -0.24 -13.23 -10.84
CA GLY A 275 -1.04 -13.55 -12.00
C GLY A 275 -2.30 -12.73 -12.00
N PHE A 276 -3.30 -13.10 -12.79
CA PHE A 276 -4.49 -12.25 -12.89
C PHE A 276 -5.17 -12.10 -11.53
N ASN A 277 -5.58 -10.88 -11.17
CA ASN A 277 -6.17 -10.63 -9.86
C ASN A 277 -6.76 -9.28 -9.69
N CYS A 278 -7.38 -9.02 -8.58
CA CYS A 278 -8.14 -7.79 -8.37
C CYS A 278 -8.14 -7.44 -6.88
N ALA A 279 -7.51 -6.32 -6.56
CA ALA A 279 -7.40 -5.83 -5.19
C ALA A 279 -8.14 -4.52 -5.07
N GLU A 280 -8.48 -4.10 -3.88
CA GLU A 280 -9.17 -2.81 -3.74
C GLU A 280 -8.49 -2.16 -2.54
N SER A 281 -8.19 -0.88 -2.63
CA SER A 281 -7.49 -0.23 -1.54
C SER A 281 -7.95 1.15 -1.35
N THR A 282 -7.68 1.69 -0.16
CA THR A 282 -7.77 3.11 0.11
C THR A 282 -6.83 3.38 1.29
N ASN A 283 -6.76 4.64 1.66
CA ASN A 283 -6.04 5.06 2.86
C ASN A 283 -7.03 5.32 4.00
N PHE A 284 -6.54 5.19 5.22
CA PHE A 284 -7.26 5.65 6.37
C PHE A 284 -6.33 6.21 7.44
N ALA A 285 -6.93 6.84 8.44
CA ALA A 285 -6.22 7.50 9.53
C ALA A 285 -6.71 7.07 10.91
N THR A 286 -5.80 7.12 11.87
CA THR A 286 -6.14 7.11 13.29
C THR A 286 -5.49 8.26 14.02
N ARG A 287 -5.89 8.40 15.25
CA ARG A 287 -5.33 9.44 16.06
C ARG A 287 -3.80 9.28 16.18
N ARG A 288 -3.27 8.05 16.23
CA ARG A 288 -1.80 7.81 16.27
C ARG A 288 -1.03 8.36 15.03
N TRP A 289 -1.71 8.46 13.90
CA TRP A 289 -1.10 8.91 12.65
C TRP A 289 -0.78 10.37 12.66
N ILE A 290 -1.55 11.14 13.41
CA ILE A 290 -1.50 12.59 13.35
C ILE A 290 -0.06 13.08 13.44
N GLU A 291 0.68 12.53 14.38
CA GLU A 291 2.07 12.96 14.51
C GLU A 291 2.83 12.66 13.24
N TYR A 292 2.67 11.43 12.72
CA TYR A 292 3.36 11.04 11.50
C TYR A 292 3.06 12.04 10.34
N GLY A 293 1.83 12.49 10.28
CA GLY A 293 1.39 13.41 9.27
C GLY A 293 1.88 14.84 9.38
N LYS A 294 2.01 15.29 10.60
CA LYS A 294 2.67 16.55 10.88
C LYS A 294 4.14 16.49 10.46
N GLN A 295 4.78 15.33 10.54
CA GLN A 295 6.21 15.19 10.28
C GLN A 295 6.55 14.52 8.96
N ALA A 296 5.58 14.37 8.08
CA ALA A 296 5.83 13.56 6.87
C ALA A 296 6.60 14.45 5.89
N VAL A 297 7.69 13.88 5.37
CA VAL A 297 8.49 14.51 4.34
C VAL A 297 7.87 14.28 2.96
N LEU A 298 7.35 15.34 2.36
CA LEU A 298 6.65 15.27 1.06
C LEU A 298 7.53 15.35 -0.18
N CYS A 299 7.01 14.93 -1.35
CA CYS A 299 7.59 15.26 -2.68
C CYS A 299 7.41 16.77 -2.91
N SER A 300 8.56 17.41 -3.16
CA SER A 300 8.67 18.84 -3.53
C SER A 300 8.44 18.97 -5.02
N CYS A 301 9.13 18.08 -5.76
CA CYS A 301 9.40 18.09 -7.21
C CYS A 301 8.28 17.87 -8.20
N ARG A 302 7.02 17.73 -7.80
CA ARG A 302 5.87 17.73 -8.75
C ARG A 302 4.71 18.51 -8.11
N LYS A 303 3.81 19.09 -8.90
CA LYS A 303 2.74 19.95 -8.35
C LYS A 303 1.43 19.14 -8.25
N ASP A 304 1.45 17.97 -8.85
CA ASP A 304 0.32 17.05 -8.73
C ASP A 304 0.12 16.64 -7.22
N MET A 305 1.23 16.45 -6.49
CA MET A 305 1.31 15.56 -5.31
C MET A 305 0.44 15.92 -4.10
N VAL A 306 0.22 14.93 -3.24
CA VAL A 306 -0.80 14.99 -2.18
C VAL A 306 -0.32 15.67 -0.89
N LYS A 307 -0.94 16.81 -0.60
CA LYS A 307 -0.69 17.57 0.61
C LYS A 307 -2.03 17.67 1.37
N ILE A 308 -2.06 17.10 2.57
CA ILE A 308 -3.25 17.20 3.40
C ILE A 308 -2.93 18.21 4.47
N SER A 309 -3.89 19.07 4.78
CA SER A 309 -3.67 20.05 5.86
C SER A 309 -3.86 19.37 7.22
N MET A 310 -2.86 19.51 8.07
CA MET A 310 -2.94 18.90 9.38
C MET A 310 -3.72 19.76 10.41
N ASP A 311 -4.06 20.99 10.02
CA ASP A 311 -4.62 21.98 10.97
C ASP A 311 -5.78 21.36 11.74
N VAL A 312 -6.75 20.79 11.06
CA VAL A 312 -7.93 20.26 11.72
C VAL A 312 -7.69 19.09 12.65
N PHE A 313 -6.69 18.26 12.34
CA PHE A 313 -6.40 17.15 13.22
C PHE A 313 -5.66 17.63 14.46
N VAL A 314 -4.76 18.61 14.33
CA VAL A 314 -4.09 19.12 15.53
C VAL A 314 -5.08 19.95 16.35
N ARG A 315 -5.91 20.74 15.71
CA ARG A 315 -6.86 21.54 16.46
C ARG A 315 -7.72 20.72 17.40
N LYS A 316 -8.18 19.57 16.97
CA LYS A 316 -9.19 18.86 17.71
C LYS A 316 -8.57 17.84 18.60
N PHE A 317 -7.59 17.13 18.03
CA PHE A 317 -7.03 15.98 18.73
C PHE A 317 -5.72 16.30 19.48
N GLN A 318 -5.08 17.42 19.24
CA GLN A 318 -3.93 17.84 20.05
C GLN A 318 -4.09 19.29 20.47
N PRO A 319 -5.22 19.67 21.10
CA PRO A 319 -5.48 21.07 21.48
C PRO A 319 -4.40 21.67 22.37
N GLU A 320 -3.94 20.89 23.36
CA GLU A 320 -2.81 21.24 24.24
C GLU A 320 -1.61 21.79 23.35
N ARG A 321 -1.33 21.21 22.18
CA ARG A 321 -0.17 21.63 21.34
C ARG A 321 -0.51 22.51 20.14
N TYR A 322 -1.75 22.84 19.94
CA TYR A 322 -2.11 23.52 18.70
C TYR A 322 -1.29 24.81 18.52
N LYS A 323 -1.40 25.74 19.45
CA LYS A 323 -0.71 27.03 19.30
C LYS A 323 0.80 26.86 19.15
N LEU A 324 1.34 25.93 19.90
CA LEU A 324 2.75 25.60 19.82
C LEU A 324 3.20 25.15 18.41
N TRP A 325 2.43 24.22 17.85
CA TRP A 325 2.68 23.68 16.52
C TRP A 325 2.51 24.77 15.49
N LYS A 326 1.44 25.56 15.64
CA LYS A 326 1.17 26.71 14.78
C LYS A 326 2.36 27.65 14.71
N ALA A 327 3.12 27.78 15.81
CA ALA A 327 4.25 28.68 15.90
C ALA A 327 5.62 28.02 15.64
N GLY A 328 5.63 26.82 15.09
CA GLY A 328 6.88 26.24 14.68
C GLY A 328 7.60 25.64 15.86
N LYS A 329 6.90 25.51 16.99
CA LYS A 329 7.60 25.16 18.23
C LYS A 329 7.26 23.80 18.83
N ASP A 330 6.58 22.96 18.04
CA ASP A 330 6.14 21.66 18.53
C ASP A 330 7.18 20.68 18.11
N ASN A 331 7.86 20.09 19.08
CA ASN A 331 9.01 19.31 18.77
C ASN A 331 8.84 17.88 19.24
N THR A 332 7.62 17.36 19.05
CA THR A 332 7.32 16.00 19.46
C THR A 332 8.29 15.01 18.76
N VAL A 333 8.76 14.00 19.49
CA VAL A 333 9.50 12.91 18.83
C VAL A 333 8.60 11.68 18.70
N ILE A 334 8.60 11.08 17.52
CA ILE A 334 7.79 9.90 17.30
C ILE A 334 8.54 8.70 17.82
N ASP A 335 7.85 7.92 18.65
CA ASP A 335 8.26 6.57 18.98
C ASP A 335 7.39 5.59 18.14
N HIS A 336 8.05 4.91 17.21
CA HIS A 336 7.35 4.01 16.28
C HIS A 336 6.86 2.75 16.99
N THR A 337 7.42 2.41 18.16
CA THR A 337 6.99 1.20 18.93
C THR A 337 5.66 1.38 19.72
N LEU A 338 5.29 2.60 20.03
CA LEU A 338 4.15 2.81 20.91
C LEU A 338 2.90 2.43 20.15
N PRO A 339 1.94 1.71 20.81
CA PRO A 339 0.58 1.46 20.26
C PRO A 339 -0.39 2.66 20.32
N THR A 340 0.16 3.82 20.76
CA THR A 340 -0.51 4.98 21.40
C THR A 340 -2.01 4.79 21.45
#